data_3EKK
#
_entry.id   3EKK
#
_cell.length_a   58.251
_cell.length_b   70.487
_cell.length_c   88.600
_cell.angle_alpha   90.00
_cell.angle_beta   90.00
_cell.angle_gamma   90.00
#
_symmetry.space_group_name_H-M   'P 21 21 21'
#
loop_
_entity.id
_entity.type
_entity.pdbx_description
1 polymer 'Insulin receptor'
2 non-polymer 2-[(2-{[1-(N,N-dimethylglycyl)-5-methoxy-1H-indol-6-yl]amino}-7H-pyrrolo[2,3-d]pyrimidin-4-yl)amino]-6-fluoro-N-methylbenzamide
3 water water
#
_entity_poly.entity_id   1
_entity_poly.type   'polypeptide(L)'
_entity_poly.pdbx_seq_one_letter_code
;GVFPSSVYVPDEWEVSREKITLLRELGQGSFGMVYEGNARDIIKGEAETRVAVKTVNESASLRERIEFLNEASVMKGFTC
HHVVRLLGVVSKGQPTLVVMELMAHGDLKSYLRSLRPEAENNPGRPPPTLQEMIQMAAEIADGMAYLNAKKFVHRNLAAR
NCMVAHDFTVKIGDFGMTRDIYETDYYRKGGKGLLPVRWMAPESLKDGVFTTSSDMWSFGVVLWEITSLAEQPYQGLSNE
QVLKFVMDGGYLDQPDNCPERVTDLMRMCWQFNPNMRPTFLEIVNLLKDDLHPSFPEVSFFHSEENK
;
_entity_poly.pdbx_strand_id   A
#
# COMPACT_ATOMS: atom_id res chain seq x y z
N PRO A 4 22.61 0.76 16.04
CA PRO A 4 21.76 1.70 15.25
C PRO A 4 22.26 3.14 15.35
N SER A 5 22.70 3.68 14.21
CA SER A 5 23.18 5.06 14.11
C SER A 5 22.43 5.82 13.02
N SER A 6 22.23 7.12 13.24
CA SER A 6 21.50 7.99 12.32
C SER A 6 22.17 8.09 10.95
N VAL A 7 21.48 7.61 9.92
CA VAL A 7 21.97 7.71 8.54
C VAL A 7 21.39 8.95 7.85
N TYR A 8 20.34 9.52 8.46
CA TYR A 8 19.68 10.70 7.93
C TYR A 8 20.59 11.93 7.91
N VAL A 9 20.85 12.45 6.71
CA VAL A 9 21.58 13.71 6.54
C VAL A 9 20.56 14.84 6.35
N PRO A 10 20.49 15.79 7.31
CA PRO A 10 19.59 16.93 7.21
C PRO A 10 19.84 17.76 5.95
N ASP A 11 19.14 17.41 4.88
CA ASP A 11 19.43 17.97 3.56
C ASP A 11 18.26 18.74 2.96
N GLU A 12 18.14 18.71 1.64
CA GLU A 12 17.02 19.31 0.92
C GLU A 12 15.65 18.78 1.38
N TRP A 13 15.65 17.62 2.03
CA TRP A 13 14.41 17.01 2.54
C TRP A 13 13.99 17.62 3.88
N GLU A 14 14.94 18.20 4.61
CA GLU A 14 14.65 18.82 5.91
C GLU A 14 13.67 19.98 5.77
N VAL A 15 12.60 19.91 6.56
N VAL A 15 12.58 19.92 6.52
CA VAL A 15 11.56 20.94 6.59
CA VAL A 15 11.61 21.01 6.52
C VAL A 15 11.56 21.63 7.95
C VAL A 15 11.53 21.64 7.92
N SER A 16 11.46 22.96 7.95
CA SER A 16 11.33 23.73 9.18
C SER A 16 10.03 23.35 9.88
N ARG A 17 10.12 23.03 11.17
CA ARG A 17 8.98 22.56 11.97
C ARG A 17 7.78 23.50 11.87
N GLU A 18 8.04 24.81 11.90
CA GLU A 18 6.97 25.81 11.91
C GLU A 18 6.18 25.87 10.59
N LYS A 19 6.69 25.20 9.56
CA LYS A 19 6.00 25.08 8.28
C LYS A 19 4.90 24.00 8.34
N ILE A 20 4.94 23.16 9.38
CA ILE A 20 4.00 22.06 9.55
C ILE A 20 2.93 22.44 10.58
N THR A 21 1.67 22.42 10.15
CA THR A 21 0.53 22.63 11.03
C THR A 21 -0.28 21.34 11.09
N LEU A 22 -0.56 20.86 12.30
CA LEU A 22 -1.34 19.63 12.50
C LEU A 22 -2.81 19.92 12.70
N LEU A 23 -3.64 19.17 11.98
CA LEU A 23 -5.09 19.41 11.96
C LEU A 23 -5.88 18.43 12.82
N ARG A 24 -5.57 17.15 12.71
CA ARG A 24 -6.26 16.10 13.49
C ARG A 24 -5.51 14.78 13.47
N GLU A 25 -5.82 13.94 14.45
CA GLU A 25 -5.35 12.56 14.46
C GLU A 25 -6.06 11.77 13.36
N LEU A 26 -5.30 10.94 12.66
CA LEU A 26 -5.90 10.02 11.70
C LEU A 26 -5.96 8.60 12.26
N GLY A 27 -4.93 8.22 13.03
CA GLY A 27 -4.90 6.93 13.70
C GLY A 27 -3.49 6.43 13.93
N GLN A 28 -3.39 5.27 14.57
CA GLN A 28 -2.10 4.65 14.89
C GLN A 28 -1.42 4.01 13.67
N GLY A 29 -0.25 4.52 13.32
CA GLY A 29 0.58 3.91 12.29
C GLY A 29 1.53 2.90 12.92
N SER A 30 2.49 2.43 12.13
CA SER A 30 3.46 1.42 12.59
C SER A 30 4.24 1.91 13.81
N PHE A 31 4.78 3.12 13.72
CA PHE A 31 5.65 3.69 14.75
C PHE A 31 4.91 4.53 15.79
N GLY A 32 3.72 5.02 15.44
CA GLY A 32 2.97 5.91 16.31
C GLY A 32 1.86 6.62 15.58
N MET A 33 1.36 7.72 16.15
CA MET A 33 0.21 8.44 15.62
C MET A 33 0.50 9.06 14.26
N VAL A 34 -0.46 8.92 13.34
CA VAL A 34 -0.45 9.61 12.06
C VAL A 34 -1.46 10.75 12.14
N TYR A 35 -1.02 11.95 11.72
CA TYR A 35 -1.85 13.14 11.74
C TYR A 35 -2.15 13.61 10.32
N GLU A 36 -3.29 14.27 10.14
CA GLU A 36 -3.49 15.07 8.95
C GLU A 36 -2.88 16.43 9.23
N GLY A 37 -2.17 16.96 8.25
CA GLY A 37 -1.56 18.27 8.40
C GLY A 37 -1.70 19.14 7.18
N ASN A 38 -1.16 20.34 7.30
CA ASN A 38 -0.98 21.24 6.18
C ASN A 38 0.44 21.75 6.22
N ALA A 39 1.13 21.68 5.09
CA ALA A 39 2.51 22.14 5.00
C ALA A 39 2.64 23.34 4.07
N ARG A 40 3.29 24.39 4.55
CA ARG A 40 3.52 25.60 3.78
C ARG A 40 4.85 25.55 3.03
N ASP A 41 4.77 25.81 1.74
CA ASP A 41 5.94 25.92 0.86
C ASP A 41 6.90 24.73 0.91
N ILE A 42 6.37 23.51 0.87
N ILE A 42 6.33 23.53 0.84
CA ILE A 42 7.24 22.33 0.81
CA ILE A 42 7.09 22.27 0.87
C ILE A 42 7.40 21.80 -0.61
C ILE A 42 7.32 21.74 -0.55
N ILE A 43 6.41 22.09 -1.47
CA ILE A 43 6.50 21.74 -2.88
C ILE A 43 6.50 23.03 -3.71
N LYS A 44 7.52 23.17 -4.57
CA LYS A 44 7.59 24.30 -5.50
C LYS A 44 6.31 24.40 -6.34
N GLY A 45 5.75 25.60 -6.40
CA GLY A 45 4.52 25.83 -7.18
C GLY A 45 3.22 25.67 -6.39
N GLU A 46 3.32 25.19 -5.16
CA GLU A 46 2.19 25.07 -4.24
C GLU A 46 2.48 25.84 -2.95
N ALA A 47 1.64 26.82 -2.65
CA ALA A 47 1.78 27.62 -1.43
C ALA A 47 1.54 26.78 -0.18
N GLU A 48 0.57 25.88 -0.27
CA GLU A 48 0.31 24.92 0.80
C GLU A 48 -0.05 23.54 0.27
N THR A 49 0.35 22.51 1.02
CA THR A 49 0.12 21.12 0.63
C THR A 49 -0.50 20.36 1.79
N ARG A 50 -1.60 19.67 1.51
CA ARG A 50 -2.19 18.73 2.47
C ARG A 50 -1.22 17.58 2.63
N VAL A 51 -0.96 17.20 3.88
CA VAL A 51 0.03 16.16 4.16
C VAL A 51 -0.44 15.19 5.23
N ALA A 52 0.15 14.00 5.23
CA ALA A 52 0.09 13.11 6.37
C ALA A 52 1.39 13.27 7.15
N VAL A 53 1.29 13.36 8.48
CA VAL A 53 2.47 13.54 9.32
C VAL A 53 2.59 12.36 10.28
N LYS A 54 3.66 11.58 10.12
N LYS A 54 3.66 11.60 10.14
CA LYS A 54 3.93 10.44 10.99
CA LYS A 54 3.94 10.44 10.98
C LYS A 54 4.84 10.84 12.14
C LYS A 54 4.86 10.80 12.13
N THR A 55 4.57 10.26 13.31
CA THR A 55 5.38 10.48 14.50
C THR A 55 5.60 9.12 15.16
N VAL A 56 6.60 9.06 16.03
CA VAL A 56 6.86 7.85 16.81
C VAL A 56 6.15 8.00 18.17
N ASN A 57 5.55 6.93 18.67
CA ASN A 57 4.82 7.03 19.94
C ASN A 57 5.74 7.24 21.13
N GLU A 58 5.21 7.88 22.18
CA GLU A 58 6.00 8.35 23.32
C GLU A 58 6.72 7.23 24.10
N SER A 59 6.27 6.00 23.92
CA SER A 59 6.85 4.85 24.61
C SER A 59 8.08 4.28 23.89
N ALA A 60 8.38 4.82 22.72
CA ALA A 60 9.47 4.33 21.89
C ALA A 60 10.84 4.53 22.52
N SER A 61 11.71 3.55 22.32
CA SER A 61 13.09 3.62 22.75
C SER A 61 13.86 4.61 21.88
N LEU A 62 15.08 4.97 22.29
CA LEU A 62 15.96 5.77 21.45
C LEU A 62 16.25 5.07 20.13
N ARG A 63 16.47 3.76 20.19
CA ARG A 63 16.67 2.94 18.99
C ARG A 63 15.51 3.03 18.00
N GLU A 64 14.28 2.95 18.51
CA GLU A 64 13.09 3.01 17.67
C GLU A 64 12.91 4.37 16.99
N ARG A 65 13.30 5.43 17.71
CA ARG A 65 13.35 6.78 17.15
C ARG A 65 14.38 6.89 16.02
N ILE A 66 15.56 6.31 16.23
CA ILE A 66 16.62 6.27 15.21
C ILE A 66 16.15 5.47 13.98
N GLU A 67 15.51 4.34 14.22
CA GLU A 67 14.97 3.49 13.15
C GLU A 67 13.82 4.15 12.39
N PHE A 68 13.01 4.95 13.09
CA PHE A 68 11.97 5.77 12.48
C PHE A 68 12.55 6.74 11.47
N LEU A 69 13.64 7.41 11.85
N LEU A 69 13.64 7.43 11.86
CA LEU A 69 14.31 8.39 11.00
CA LEU A 69 14.33 8.38 11.00
C LEU A 69 15.10 7.74 9.85
C LEU A 69 15.07 7.72 9.84
N ASN A 70 15.62 6.54 10.09
CA ASN A 70 16.36 5.78 9.08
C ASN A 70 15.44 5.26 7.96
N GLU A 71 14.21 4.93 8.32
CA GLU A 71 13.18 4.57 7.35
C GLU A 71 12.84 5.74 6.43
N ALA A 72 12.71 6.94 7.00
CA ALA A 72 12.51 8.16 6.22
C ALA A 72 13.65 8.40 5.23
N SER A 73 14.88 8.11 5.67
CA SER A 73 16.07 8.23 4.82
C SER A 73 16.00 7.31 3.60
N VAL A 74 15.53 6.07 3.81
CA VAL A 74 15.32 5.09 2.73
C VAL A 74 14.27 5.57 1.71
N MET A 75 13.19 6.16 2.20
CA MET A 75 12.09 6.64 1.36
C MET A 75 12.48 7.77 0.41
N LYS A 76 13.60 8.46 0.73
CA LYS A 76 14.14 9.51 -0.14
C LYS A 76 14.44 8.97 -1.55
N GLY A 77 14.83 7.70 -1.62
CA GLY A 77 15.20 7.06 -2.88
C GLY A 77 14.03 6.61 -3.75
N PHE A 78 12.80 6.76 -3.26
CA PHE A 78 11.61 6.30 -4.01
C PHE A 78 10.86 7.45 -4.67
N THR A 79 10.69 7.36 -5.98
CA THR A 79 9.92 8.32 -6.76
C THR A 79 8.93 7.58 -7.65
N CYS A 80 7.96 6.91 -7.03
CA CYS A 80 6.94 6.21 -7.79
C CYS A 80 5.57 6.81 -7.53
N HIS A 81 4.85 7.08 -8.61
CA HIS A 81 3.48 7.60 -8.53
C HIS A 81 2.55 6.64 -7.78
N HIS A 82 2.85 5.34 -7.83
CA HIS A 82 1.98 4.33 -7.21
C HIS A 82 2.52 3.74 -5.91
N VAL A 83 3.46 4.46 -5.29
CA VAL A 83 3.88 4.20 -3.91
C VAL A 83 3.76 5.51 -3.13
N VAL A 84 3.15 5.47 -1.95
CA VAL A 84 3.01 6.65 -1.10
C VAL A 84 4.39 7.30 -0.84
N ARG A 85 4.52 8.58 -1.17
CA ARG A 85 5.82 9.24 -1.21
C ARG A 85 6.14 10.16 -0.02
N LEU A 86 7.41 10.16 0.34
CA LEU A 86 7.95 11.09 1.33
C LEU A 86 7.98 12.48 0.72
N LEU A 87 7.62 13.48 1.53
CA LEU A 87 7.67 14.87 1.10
C LEU A 87 8.74 15.68 1.85
N GLY A 88 9.01 15.29 3.10
CA GLY A 88 9.91 16.04 3.94
C GLY A 88 10.09 15.43 5.30
N VAL A 89 11.12 15.90 6.01
CA VAL A 89 11.47 15.40 7.33
C VAL A 89 11.75 16.56 8.30
N VAL A 90 11.22 16.47 9.51
CA VAL A 90 11.60 17.37 10.60
C VAL A 90 12.38 16.56 11.64
N SER A 91 13.70 16.70 11.62
CA SER A 91 14.59 15.91 12.48
C SER A 91 15.27 16.75 13.56
N LYS A 92 15.05 18.06 13.52
CA LYS A 92 15.59 18.99 14.51
C LYS A 92 14.67 19.07 15.70
N GLY A 93 15.16 18.63 16.85
CA GLY A 93 14.35 18.54 18.06
C GLY A 93 13.34 17.40 18.03
N GLN A 94 12.53 17.33 19.08
CA GLN A 94 11.51 16.30 19.22
C GLN A 94 10.12 16.94 19.27
N PRO A 95 9.09 16.23 18.76
CA PRO A 95 9.16 14.91 18.11
C PRO A 95 9.63 14.98 16.66
N THR A 96 10.29 13.92 16.19
CA THR A 96 10.61 13.80 14.77
C THR A 96 9.31 13.70 13.98
N LEU A 97 9.24 14.44 12.88
CA LEU A 97 8.08 14.39 11.99
C LEU A 97 8.48 13.88 10.62
N VAL A 98 7.73 12.90 10.12
CA VAL A 98 7.94 12.38 8.77
C VAL A 98 6.72 12.75 7.95
N VAL A 99 6.94 13.62 6.97
CA VAL A 99 5.87 14.23 6.20
C VAL A 99 5.69 13.47 4.88
N MET A 100 4.50 12.92 4.70
CA MET A 100 4.16 12.08 3.55
C MET A 100 3.06 12.76 2.77
N GLU A 101 2.94 12.42 1.48
CA GLU A 101 1.76 12.82 0.72
C GLU A 101 0.50 12.30 1.42
N LEU A 102 -0.53 13.13 1.44
CA LEU A 102 -1.80 12.71 2.04
C LEU A 102 -2.58 11.84 1.06
N MET A 103 -3.15 10.77 1.60
CA MET A 103 -4.04 9.90 0.85
C MET A 103 -5.42 10.05 1.46
N ALA A 104 -6.20 10.98 0.89
CA ALA A 104 -7.43 11.49 1.51
C ALA A 104 -8.56 10.48 1.72
N HIS A 105 -8.60 9.42 0.92
CA HIS A 105 -9.63 8.40 1.08
C HIS A 105 -9.19 7.21 1.93
N GLY A 106 -8.03 7.33 2.56
CA GLY A 106 -7.56 6.32 3.52
C GLY A 106 -7.14 4.99 2.92
N ASP A 107 -7.16 3.95 3.75
CA ASP A 107 -6.72 2.64 3.29
C ASP A 107 -7.79 2.01 2.39
N LEU A 108 -7.35 1.14 1.50
CA LEU A 108 -8.23 0.56 0.49
C LEU A 108 -9.29 -0.37 1.09
N LYS A 109 -8.95 -1.09 2.15
CA LYS A 109 -9.91 -2.00 2.79
C LYS A 109 -11.14 -1.24 3.31
N SER A 110 -10.91 -0.19 4.09
N SER A 110 -10.91 -0.18 4.09
CA SER A 110 -11.97 0.65 4.61
CA SER A 110 -11.99 0.64 4.61
C SER A 110 -12.76 1.33 3.49
C SER A 110 -12.76 1.38 3.51
N TYR A 111 -12.05 1.79 2.47
CA TYR A 111 -12.68 2.44 1.30
C TYR A 111 -13.65 1.48 0.59
N LEU A 112 -13.17 0.27 0.29
CA LEU A 112 -14.01 -0.79 -0.27
C LEU A 112 -15.26 -1.08 0.59
N ARG A 113 -15.05 -1.24 1.89
N ARG A 113 -15.04 -1.26 1.88
CA ARG A 113 -16.16 -1.53 2.83
CA ARG A 113 -16.10 -1.48 2.86
C ARG A 113 -17.19 -0.40 2.89
C ARG A 113 -17.19 -0.42 2.81
N SER A 114 -16.77 0.83 2.58
CA SER A 114 -17.69 1.97 2.53
C SER A 114 -18.62 1.95 1.31
N LEU A 115 -18.21 1.24 0.26
CA LEU A 115 -18.97 1.18 -0.99
C LEU A 115 -19.98 0.02 -1.04
N ARG A 116 -20.06 -0.77 0.02
CA ARG A 116 -21.08 -1.80 0.14
C ARG A 116 -22.48 -1.20 0.24
N PRO A 117 -23.50 -1.89 -0.34
CA PRO A 117 -24.87 -1.36 -0.35
C PRO A 117 -25.43 -1.07 1.04
N GLU A 118 -25.08 -1.90 2.02
CA GLU A 118 -25.60 -1.79 3.39
C GLU A 118 -24.83 -0.79 4.26
N ALA A 119 -23.67 -0.33 3.78
CA ALA A 119 -22.76 0.51 4.56
C ALA A 119 -23.40 1.81 5.06
N GLU A 120 -23.21 2.10 6.35
CA GLU A 120 -23.72 3.32 6.96
C GLU A 120 -22.95 4.56 6.50
N ASN A 121 -21.68 4.37 6.15
CA ASN A 121 -20.81 5.44 5.69
C ASN A 121 -20.69 5.54 4.16
N ASN A 122 -21.67 4.97 3.46
CA ASN A 122 -21.69 4.97 1.99
C ASN A 122 -21.72 6.39 1.42
N PRO A 123 -20.76 6.71 0.53
CA PRO A 123 -20.65 8.08 -0.01
C PRO A 123 -21.65 8.40 -1.13
N GLY A 124 -22.66 7.55 -1.32
CA GLY A 124 -23.70 7.77 -2.32
C GLY A 124 -23.26 7.47 -3.74
N ARG A 125 -22.21 6.67 -3.87
CA ARG A 125 -21.67 6.25 -5.16
C ARG A 125 -21.79 4.73 -5.34
N PRO A 126 -21.82 4.25 -6.60
CA PRO A 126 -21.88 2.81 -6.84
C PRO A 126 -20.58 2.10 -6.45
N PRO A 127 -20.65 0.76 -6.23
CA PRO A 127 -19.41 0.03 -5.98
C PRO A 127 -18.50 0.11 -7.22
N PRO A 128 -17.21 -0.23 -7.06
CA PRO A 128 -16.26 -0.11 -8.17
C PRO A 128 -16.73 -0.83 -9.44
N THR A 129 -16.67 -0.12 -10.56
CA THR A 129 -16.95 -0.68 -11.89
C THR A 129 -15.82 -1.63 -12.28
N LEU A 130 -16.05 -2.49 -13.27
CA LEU A 130 -14.99 -3.37 -13.76
C LEU A 130 -13.74 -2.54 -14.13
N GLN A 131 -13.96 -1.50 -14.92
CA GLN A 131 -12.91 -0.57 -15.33
C GLN A 131 -12.11 -0.02 -14.13
N GLU A 132 -12.82 0.44 -13.11
CA GLU A 132 -12.17 0.95 -11.90
C GLU A 132 -11.35 -0.12 -11.16
N MET A 133 -11.88 -1.35 -11.10
CA MET A 133 -11.18 -2.47 -10.45
C MET A 133 -9.90 -2.86 -11.19
N ILE A 134 -9.96 -2.86 -12.52
CA ILE A 134 -8.78 -3.09 -13.35
C ILE A 134 -7.74 -1.98 -13.17
N GLN A 135 -8.21 -0.74 -13.10
CA GLN A 135 -7.33 0.41 -12.86
C GLN A 135 -6.61 0.27 -11.50
N MET A 136 -7.36 -0.09 -10.46
CA MET A 136 -6.80 -0.32 -9.13
C MET A 136 -5.73 -1.39 -9.18
N ALA A 137 -6.05 -2.50 -9.85
CA ALA A 137 -5.15 -3.64 -9.98
C ALA A 137 -3.84 -3.23 -10.64
N ALA A 138 -3.91 -2.45 -11.73
CA ALA A 138 -2.74 -1.99 -12.47
C ALA A 138 -1.85 -1.07 -11.63
N GLU A 139 -2.50 -0.17 -10.89
CA GLU A 139 -1.78 0.78 -10.04
C GLU A 139 -1.03 0.07 -8.92
N ILE A 140 -1.70 -0.85 -8.23
CA ILE A 140 -1.08 -1.67 -7.19
C ILE A 140 0.08 -2.47 -7.79
N ALA A 141 -0.16 -3.15 -8.92
CA ALA A 141 0.88 -3.94 -9.60
C ALA A 141 2.10 -3.12 -10.01
N ASP A 142 1.86 -1.91 -10.50
CA ASP A 142 2.92 -1.01 -10.91
C ASP A 142 3.77 -0.55 -9.73
N GLY A 143 3.11 -0.24 -8.61
CA GLY A 143 3.80 0.13 -7.37
C GLY A 143 4.65 -1.03 -6.85
N MET A 144 4.09 -2.24 -6.92
CA MET A 144 4.82 -3.44 -6.51
C MET A 144 5.98 -3.76 -7.45
N ALA A 145 5.77 -3.57 -8.76
CA ALA A 145 6.84 -3.73 -9.75
C ALA A 145 8.01 -2.83 -9.42
N TYR A 146 7.72 -1.59 -9.03
CA TYR A 146 8.74 -0.62 -8.65
C TYR A 146 9.53 -1.06 -7.43
N LEU A 147 8.83 -1.53 -6.40
CA LEU A 147 9.49 -1.99 -5.18
C LEU A 147 10.33 -3.24 -5.43
N ASN A 148 9.83 -4.14 -6.30
CA ASN A 148 10.63 -5.31 -6.72
C ASN A 148 11.93 -4.91 -7.43
N ALA A 149 11.86 -3.92 -8.32
CA ALA A 149 13.04 -3.39 -9.02
C ALA A 149 14.03 -2.76 -8.05
N LYS A 150 13.52 -2.21 -6.96
CA LYS A 150 14.33 -1.66 -5.86
C LYS A 150 14.79 -2.74 -4.88
N LYS A 151 14.45 -3.99 -5.17
CA LYS A 151 14.85 -5.16 -4.38
C LYS A 151 14.18 -5.27 -3.01
N PHE A 152 12.98 -4.72 -2.89
CA PHE A 152 12.17 -4.88 -1.70
C PHE A 152 11.10 -5.96 -1.90
N VAL A 153 11.07 -6.90 -0.97
CA VAL A 153 9.98 -7.86 -0.85
C VAL A 153 9.03 -7.26 0.20
N HIS A 154 7.76 -7.10 -0.15
CA HIS A 154 6.81 -6.40 0.70
C HIS A 154 6.48 -7.18 1.97
N ARG A 155 6.04 -8.43 1.80
CA ARG A 155 5.72 -9.37 2.90
C ARG A 155 4.36 -9.16 3.58
N ASN A 156 3.74 -8.01 3.33
N ASN A 156 3.73 -8.01 3.36
CA ASN A 156 2.52 -7.62 4.05
CA ASN A 156 2.48 -7.67 4.03
C ASN A 156 1.44 -7.01 3.14
C ASN A 156 1.51 -6.94 3.12
N LEU A 157 1.49 -7.33 1.85
CA LEU A 157 0.55 -6.76 0.89
C LEU A 157 -0.87 -7.21 1.20
N ALA A 158 -1.76 -6.23 1.34
CA ALA A 158 -3.17 -6.44 1.70
C ALA A 158 -3.86 -5.10 1.46
N ALA A 159 -5.17 -5.13 1.32
CA ALA A 159 -5.93 -3.91 1.05
C ALA A 159 -5.75 -2.87 2.18
N ARG A 160 -5.71 -3.33 3.43
CA ARG A 160 -5.43 -2.47 4.59
C ARG A 160 -4.11 -1.68 4.46
N ASN A 161 -3.20 -2.17 3.59
CA ASN A 161 -1.88 -1.57 3.38
C ASN A 161 -1.73 -0.83 2.06
N CYS A 162 -2.81 -0.76 1.29
CA CYS A 162 -2.86 0.09 0.12
C CYS A 162 -3.67 1.31 0.50
N MET A 163 -3.32 2.44 -0.09
CA MET A 163 -3.94 3.72 0.25
C MET A 163 -4.63 4.32 -0.97
N VAL A 164 -5.63 5.16 -0.73
CA VAL A 164 -6.46 5.74 -1.79
C VAL A 164 -6.38 7.27 -1.73
N ALA A 165 -5.95 7.89 -2.83
CA ALA A 165 -5.74 9.34 -2.91
C ALA A 165 -7.06 10.08 -3.14
N HIS A 166 -6.98 11.42 -3.13
N HIS A 166 -7.00 11.42 -3.13
CA HIS A 166 -8.11 12.30 -3.40
CA HIS A 166 -8.19 12.25 -3.39
C HIS A 166 -8.79 11.96 -4.73
C HIS A 166 -8.82 11.93 -4.74
N ASP A 167 -7.99 11.62 -5.73
CA ASP A 167 -8.47 11.34 -7.09
C ASP A 167 -8.71 9.84 -7.32
N PHE A 168 -8.62 9.07 -6.23
CA PHE A 168 -8.96 7.64 -6.20
C PHE A 168 -7.86 6.72 -6.75
N THR A 169 -6.70 7.31 -7.06
CA THR A 169 -5.50 6.53 -7.37
C THR A 169 -5.13 5.69 -6.17
N VAL A 170 -4.85 4.41 -6.41
CA VAL A 170 -4.41 3.51 -5.35
C VAL A 170 -2.88 3.40 -5.37
N LYS A 171 -2.29 3.47 -4.17
CA LYS A 171 -0.83 3.39 -4.02
C LYS A 171 -0.45 2.42 -2.91
N ILE A 172 0.73 1.83 -3.03
CA ILE A 172 1.29 1.00 -1.96
C ILE A 172 1.66 1.90 -0.77
N GLY A 173 1.21 1.51 0.43
CA GLY A 173 1.51 2.26 1.65
C GLY A 173 2.77 1.79 2.37
N ASP A 174 2.62 1.47 3.65
CA ASP A 174 3.75 1.04 4.53
C ASP A 174 4.19 -0.41 4.33
N PHE A 175 5.50 -0.61 4.24
CA PHE A 175 6.10 -1.94 4.11
C PHE A 175 7.37 -2.07 4.97
N LEU A 194 1.07 -12.61 14.86
CA LEU A 194 1.69 -11.47 14.19
C LEU A 194 1.67 -11.63 12.68
N LEU A 195 1.61 -12.88 12.21
CA LEU A 195 1.65 -13.18 10.78
C LEU A 195 0.29 -13.08 10.10
N PRO A 196 0.25 -12.46 8.91
CA PRO A 196 -0.99 -12.32 8.16
C PRO A 196 -1.23 -13.56 7.30
N VAL A 197 -1.54 -14.67 7.97
CA VAL A 197 -1.59 -15.99 7.33
C VAL A 197 -2.59 -16.08 6.17
N ARG A 198 -3.65 -15.27 6.23
CA ARG A 198 -4.71 -15.28 5.21
C ARG A 198 -4.29 -14.61 3.89
N TRP A 199 -3.16 -13.90 3.93
CA TRP A 199 -2.60 -13.27 2.73
C TRP A 199 -1.31 -13.96 2.27
N MET A 200 -0.88 -14.99 3.01
CA MET A 200 0.42 -15.62 2.77
C MET A 200 0.40 -16.81 1.81
N ALA A 201 1.44 -16.90 0.99
CA ALA A 201 1.63 -18.02 0.07
C ALA A 201 1.94 -19.31 0.83
N PRO A 202 1.60 -20.47 0.24
CA PRO A 202 1.87 -21.77 0.89
C PRO A 202 3.32 -21.96 1.31
N GLU A 203 4.26 -21.56 0.45
CA GLU A 203 5.69 -21.75 0.72
C GLU A 203 6.21 -20.86 1.85
N SER A 204 5.55 -19.73 2.08
CA SER A 204 5.86 -18.84 3.19
C SER A 204 5.31 -19.42 4.50
N LEU A 205 4.09 -19.96 4.45
CA LEU A 205 3.49 -20.62 5.60
C LEU A 205 4.30 -21.84 6.03
N LYS A 206 4.83 -22.56 5.04
CA LYS A 206 5.59 -23.79 5.27
C LYS A 206 7.01 -23.54 5.79
N ASP A 207 7.74 -22.64 5.13
CA ASP A 207 9.17 -22.46 5.41
C ASP A 207 9.57 -21.02 5.78
N GLY A 208 8.62 -20.10 5.73
CA GLY A 208 8.88 -18.69 6.04
C GLY A 208 9.73 -18.04 4.97
N VAL A 209 9.59 -18.53 3.74
CA VAL A 209 10.28 -17.97 2.58
C VAL A 209 9.38 -16.88 1.97
N PHE A 210 9.88 -15.65 1.98
CA PHE A 210 9.17 -14.50 1.39
C PHE A 210 9.93 -13.99 0.15
N THR A 211 9.23 -13.93 -0.97
CA THR A 211 9.82 -13.47 -2.24
C THR A 211 8.81 -12.56 -2.95
N THR A 212 9.20 -12.02 -4.11
CA THR A 212 8.27 -11.28 -4.94
C THR A 212 7.13 -12.19 -5.45
N SER A 213 7.43 -13.48 -5.58
CA SER A 213 6.44 -14.49 -5.97
C SER A 213 5.38 -14.71 -4.89
N SER A 214 5.77 -14.63 -3.62
CA SER A 214 4.79 -14.67 -2.52
C SER A 214 4.02 -13.36 -2.41
N ASP A 215 4.69 -12.23 -2.71
CA ASP A 215 4.00 -10.95 -2.83
C ASP A 215 2.88 -11.03 -3.89
N MET A 216 3.14 -11.74 -4.98
CA MET A 216 2.15 -11.96 -6.03
C MET A 216 0.94 -12.74 -5.53
N TRP A 217 1.19 -13.74 -4.68
CA TRP A 217 0.10 -14.45 -4.02
C TRP A 217 -0.78 -13.47 -3.24
N SER A 218 -0.15 -12.60 -2.45
CA SER A 218 -0.86 -11.59 -1.66
C SER A 218 -1.64 -10.64 -2.56
N PHE A 219 -1.07 -10.32 -3.72
CA PHE A 219 -1.73 -9.48 -4.72
C PHE A 219 -3.05 -10.09 -5.17
N GLY A 220 -3.07 -11.40 -5.38
CA GLY A 220 -4.30 -12.11 -5.73
C GLY A 220 -5.36 -11.99 -4.65
N VAL A 221 -4.94 -12.08 -3.40
CA VAL A 221 -5.84 -11.87 -2.26
C VAL A 221 -6.39 -10.43 -2.27
N VAL A 222 -5.54 -9.46 -2.62
CA VAL A 222 -5.98 -8.06 -2.73
C VAL A 222 -7.07 -7.92 -3.82
N LEU A 223 -6.87 -8.61 -4.95
CA LEU A 223 -7.88 -8.68 -6.01
C LEU A 223 -9.18 -9.29 -5.51
N TRP A 224 -9.05 -10.31 -4.66
CA TRP A 224 -10.20 -10.95 -4.02
C TRP A 224 -10.90 -10.00 -3.05
N GLU A 225 -10.12 -9.19 -2.35
CA GLU A 225 -10.67 -8.17 -1.46
C GLU A 225 -11.43 -7.10 -2.25
N ILE A 226 -10.85 -6.67 -3.37
CA ILE A 226 -11.51 -5.71 -4.27
C ILE A 226 -12.86 -6.25 -4.80
N THR A 227 -12.87 -7.49 -5.24
CA THR A 227 -14.06 -8.08 -5.87
C THR A 227 -15.12 -8.60 -4.86
N SER A 228 -14.78 -8.61 -3.58
CA SER A 228 -15.72 -9.00 -2.54
C SER A 228 -16.06 -7.79 -1.65
N LEU A 229 -15.58 -6.62 -2.05
CA LEU A 229 -15.69 -5.39 -1.26
C LEU A 229 -15.18 -5.62 0.17
N ALA A 230 -13.96 -6.15 0.26
CA ALA A 230 -13.23 -6.35 1.51
C ALA A 230 -13.93 -7.26 2.54
N GLU A 231 -14.40 -8.41 2.08
CA GLU A 231 -14.75 -9.51 2.97
C GLU A 231 -13.47 -9.98 3.68
N GLN A 232 -13.64 -10.67 4.81
CA GLN A 232 -12.53 -11.31 5.49
C GLN A 232 -12.20 -12.62 4.78
N PRO A 233 -10.96 -12.78 4.28
CA PRO A 233 -10.55 -14.00 3.62
C PRO A 233 -10.68 -15.21 4.54
N TYR A 234 -11.21 -16.32 4.01
CA TYR A 234 -11.44 -17.57 4.75
C TYR A 234 -12.27 -17.37 6.02
N GLN A 235 -13.34 -16.58 5.93
CA GLN A 235 -14.25 -16.38 7.06
C GLN A 235 -14.90 -17.71 7.45
N GLY A 236 -14.92 -17.99 8.75
CA GLY A 236 -15.42 -19.28 9.24
C GLY A 236 -14.31 -20.29 9.48
N LEU A 237 -13.09 -19.93 9.06
CA LEU A 237 -11.90 -20.74 9.35
C LEU A 237 -11.01 -20.00 10.35
N SER A 238 -10.45 -20.75 11.30
CA SER A 238 -9.44 -20.20 12.20
C SER A 238 -8.13 -20.05 11.44
N ASN A 239 -7.19 -19.29 12.03
CA ASN A 239 -5.86 -19.12 11.45
C ASN A 239 -5.10 -20.44 11.28
N GLU A 240 -5.29 -21.35 12.24
N GLU A 240 -5.28 -21.34 12.24
CA GLU A 240 -4.71 -22.69 12.19
CA GLU A 240 -4.72 -22.69 12.19
C GLU A 240 -5.29 -23.50 11.01
C GLU A 240 -5.28 -23.49 11.01
N GLN A 241 -6.59 -23.34 10.77
CA GLN A 241 -7.28 -24.01 9.66
C GLN A 241 -6.86 -23.44 8.30
N VAL A 242 -6.62 -22.13 8.25
CA VAL A 242 -6.15 -21.48 7.03
C VAL A 242 -4.74 -21.96 6.68
N LEU A 243 -3.86 -22.02 7.68
CA LEU A 243 -2.50 -22.51 7.53
C LEU A 243 -2.48 -23.85 6.79
N LYS A 244 -3.23 -24.83 7.31
CA LYS A 244 -3.28 -26.17 6.74
C LYS A 244 -3.93 -26.18 5.36
N PHE A 245 -5.07 -25.51 5.24
CA PHE A 245 -5.82 -25.45 3.99
C PHE A 245 -4.98 -24.96 2.81
N VAL A 246 -4.28 -23.85 3.00
CA VAL A 246 -3.44 -23.24 1.95
C VAL A 246 -2.16 -24.05 1.65
N MET A 247 -1.53 -24.59 2.70
CA MET A 247 -0.35 -25.44 2.52
C MET A 247 -0.68 -26.72 1.75
N ASP A 248 -1.91 -27.22 1.94
CA ASP A 248 -2.42 -28.40 1.22
C ASP A 248 -2.78 -28.12 -0.25
N GLY A 249 -2.77 -26.84 -0.63
CA GLY A 249 -3.08 -26.47 -2.01
C GLY A 249 -4.41 -25.74 -2.15
N GLY A 250 -5.00 -25.40 -1.02
CA GLY A 250 -6.24 -24.63 -1.00
C GLY A 250 -6.04 -23.16 -1.30
N TYR A 251 -7.08 -22.53 -1.83
CA TYR A 251 -7.09 -21.11 -2.09
C TYR A 251 -8.53 -20.61 -2.03
N LEU A 252 -8.69 -19.30 -2.09
CA LEU A 252 -10.00 -18.67 -1.94
C LEU A 252 -10.95 -19.01 -3.08
N ASP A 253 -12.23 -19.11 -2.75
CA ASP A 253 -13.28 -19.23 -3.75
C ASP A 253 -13.50 -17.87 -4.39
N GLN A 254 -14.01 -17.88 -5.62
CA GLN A 254 -14.30 -16.65 -6.34
C GLN A 254 -15.52 -15.96 -5.74
N PRO A 255 -15.43 -14.64 -5.52
CA PRO A 255 -16.57 -13.88 -5.00
C PRO A 255 -17.76 -13.96 -5.94
N ASP A 256 -18.97 -13.78 -5.39
CA ASP A 256 -20.19 -13.83 -6.19
C ASP A 256 -20.12 -12.84 -7.34
N ASN A 257 -20.47 -13.31 -8.53
CA ASN A 257 -20.52 -12.49 -9.73
C ASN A 257 -19.21 -11.72 -10.00
N CYS A 258 -18.09 -12.41 -9.77
CA CYS A 258 -16.77 -11.84 -10.01
C CYS A 258 -16.50 -11.75 -11.51
N PRO A 259 -16.03 -10.58 -11.98
CA PRO A 259 -15.69 -10.45 -13.40
C PRO A 259 -14.66 -11.49 -13.82
N GLU A 260 -14.91 -12.16 -14.94
CA GLU A 260 -14.03 -13.22 -15.44
C GLU A 260 -12.55 -12.81 -15.53
N ARG A 261 -12.31 -11.57 -15.97
CA ARG A 261 -10.96 -11.05 -16.14
C ARG A 261 -10.13 -11.03 -14.85
N VAL A 262 -10.77 -10.64 -13.74
CA VAL A 262 -10.09 -10.59 -12.45
C VAL A 262 -9.94 -11.98 -11.85
N THR A 263 -10.93 -12.84 -12.06
CA THR A 263 -10.86 -14.27 -11.71
C THR A 263 -9.63 -14.93 -12.35
N ASP A 264 -9.39 -14.64 -13.62
CA ASP A 264 -8.24 -15.16 -14.34
C ASP A 264 -6.91 -14.69 -13.73
N LEU A 265 -6.85 -13.43 -13.30
CA LEU A 265 -5.65 -12.90 -12.63
C LEU A 265 -5.40 -13.62 -11.32
N MET A 266 -6.44 -13.78 -10.51
CA MET A 266 -6.37 -14.50 -9.23
C MET A 266 -5.86 -15.94 -9.39
N ARG A 267 -6.36 -16.63 -10.41
CA ARG A 267 -5.92 -17.99 -10.73
C ARG A 267 -4.40 -18.08 -10.94
N MET A 268 -3.85 -17.14 -11.72
CA MET A 268 -2.40 -17.05 -11.96
C MET A 268 -1.63 -16.81 -10.65
N CYS A 269 -2.12 -15.87 -9.86
CA CYS A 269 -1.51 -15.50 -8.58
C CYS A 269 -1.45 -16.65 -7.58
N TRP A 270 -2.40 -17.57 -7.69
CA TRP A 270 -2.54 -18.64 -6.70
C TRP A 270 -2.05 -20.01 -7.17
N GLN A 271 -1.20 -20.02 -8.19
CA GLN A 271 -0.48 -21.23 -8.58
C GLN A 271 0.34 -21.70 -7.39
N PHE A 272 0.33 -23.01 -7.13
CA PHE A 272 1.04 -23.57 -5.99
C PHE A 272 2.56 -23.42 -6.14
N ASN A 273 3.05 -23.65 -7.36
CA ASN A 273 4.45 -23.43 -7.69
C ASN A 273 4.69 -21.94 -7.89
N PRO A 274 5.49 -21.32 -7.00
CA PRO A 274 5.75 -19.88 -7.11
C PRO A 274 6.35 -19.49 -8.46
N ASN A 275 7.14 -20.40 -9.06
CA ASN A 275 7.72 -20.19 -10.40
C ASN A 275 6.68 -19.99 -11.51
N MET A 276 5.46 -20.45 -11.26
CA MET A 276 4.40 -20.39 -12.26
C MET A 276 3.51 -19.17 -12.12
N ARG A 277 3.78 -18.34 -11.12
CA ARG A 277 3.03 -17.10 -10.91
C ARG A 277 3.61 -15.97 -11.78
N PRO A 278 2.75 -15.04 -12.23
CA PRO A 278 3.26 -13.91 -13.00
C PRO A 278 4.12 -12.96 -12.15
N THR A 279 4.86 -12.08 -12.82
CA THR A 279 5.58 -11.00 -12.14
C THR A 279 4.67 -9.78 -12.18
N PHE A 280 4.99 -8.77 -11.38
CA PHE A 280 4.17 -7.56 -11.36
C PHE A 280 4.20 -6.78 -12.68
N LEU A 281 5.34 -6.78 -13.36
CA LEU A 281 5.45 -6.20 -14.71
C LEU A 281 4.56 -6.92 -15.72
N GLU A 282 4.49 -8.25 -15.60
CA GLU A 282 3.61 -9.05 -16.45
C GLU A 282 2.14 -8.69 -16.21
N ILE A 283 1.79 -8.39 -14.96
CA ILE A 283 0.43 -7.98 -14.63
C ILE A 283 0.06 -6.64 -15.29
N VAL A 284 0.92 -5.64 -15.13
CA VAL A 284 0.68 -4.34 -15.75
C VAL A 284 0.54 -4.48 -17.28
N ASN A 285 1.43 -5.27 -17.88
CA ASN A 285 1.40 -5.52 -19.33
C ASN A 285 0.07 -6.13 -19.78
N LEU A 286 -0.46 -7.06 -19.00
CA LEU A 286 -1.77 -7.66 -19.27
C LEU A 286 -2.89 -6.61 -19.32
N LEU A 287 -2.78 -5.58 -18.48
CA LEU A 287 -3.86 -4.63 -18.26
C LEU A 287 -3.69 -3.28 -18.95
N LYS A 288 -2.51 -3.04 -19.53
CA LYS A 288 -2.13 -1.70 -20.02
C LYS A 288 -3.02 -1.10 -21.12
N ASP A 289 -3.64 -1.95 -21.93
CA ASP A 289 -4.35 -1.49 -23.13
C ASP A 289 -5.72 -0.86 -22.85
N ASP A 290 -6.20 -0.97 -21.62
CA ASP A 290 -7.44 -0.32 -21.24
C ASP A 290 -7.33 0.29 -19.84
N LEU A 291 -6.52 1.34 -19.75
CA LEU A 291 -6.36 2.10 -18.51
C LEU A 291 -6.59 3.57 -18.80
N HIS A 292 -6.65 4.39 -17.75
CA HIS A 292 -6.76 5.83 -17.89
C HIS A 292 -5.59 6.40 -18.72
N PRO A 293 -5.88 7.39 -19.60
CA PRO A 293 -4.88 8.04 -20.46
C PRO A 293 -3.61 8.50 -19.76
N SER A 294 -3.73 8.91 -18.50
CA SER A 294 -2.59 9.37 -17.70
C SER A 294 -1.63 8.25 -17.29
N PHE A 295 -2.09 6.99 -17.35
CA PHE A 295 -1.27 5.87 -16.84
C PHE A 295 0.17 5.82 -17.39
N PRO A 296 0.35 5.85 -18.73
CA PRO A 296 1.72 5.84 -19.29
C PRO A 296 2.57 7.05 -18.89
N GLU A 297 1.93 8.16 -18.52
N GLU A 297 1.92 8.15 -18.53
CA GLU A 297 2.64 9.37 -18.15
CA GLU A 297 2.60 9.39 -18.14
C GLU A 297 3.13 9.33 -16.70
C GLU A 297 3.13 9.32 -16.71
N VAL A 298 2.53 8.46 -15.89
CA VAL A 298 2.87 8.37 -14.46
C VAL A 298 3.48 7.03 -14.00
N SER A 299 3.28 5.96 -14.77
CA SER A 299 3.66 4.61 -14.32
C SER A 299 5.17 4.33 -14.33
N PHE A 300 5.60 3.46 -13.41
CA PHE A 300 6.94 2.88 -13.48
C PHE A 300 7.09 2.06 -14.76
N PHE A 301 6.06 1.28 -15.08
CA PHE A 301 6.05 0.37 -16.25
C PHE A 301 6.46 1.05 -17.55
N HIS A 302 5.94 2.26 -17.79
CA HIS A 302 6.17 2.98 -19.04
C HIS A 302 7.36 3.95 -18.96
N SER A 303 7.96 4.04 -17.78
CA SER A 303 9.07 4.96 -17.53
C SER A 303 10.39 4.43 -18.09
N GLU A 304 11.34 5.35 -18.30
CA GLU A 304 12.68 4.98 -18.75
C GLU A 304 13.44 4.17 -17.70
N GLU A 305 12.99 4.23 -16.44
CA GLU A 305 13.53 3.43 -15.34
C GLU A 305 13.18 1.95 -15.46
N ASN A 306 12.21 1.64 -16.31
CA ASN A 306 11.87 0.26 -16.64
C ASN A 306 12.39 -0.10 -18.03
#